data_3IMG
#
_entry.id   3IMG
#
_cell.length_a   48.480
_cell.length_b   71.220
_cell.length_c   81.800
_cell.angle_alpha   90.00
_cell.angle_beta   99.40
_cell.angle_gamma   90.00
#
_symmetry.space_group_name_H-M   'P 1 21 1'
#
loop_
_entity.id
_entity.type
_entity.pdbx_description
1 polymer 'Pantothenate synthetase'
2 non-polymer '1-benzofuran-2-carboxylic acid'
3 non-polymer 5-methoxy-1H-indole
4 non-polymer 'SULFATE ION'
5 non-polymer GLYCEROL
6 non-polymer ETHANOL
7 water water
#
_entity_poly.entity_id   1
_entity_poly.type   'polypeptide(L)'
_entity_poly.pdbx_seq_one_letter_code
;AMAIPAFHPGELNVYSAPGDVADVSRALRLTGRRVMLVPTMGALHEGHLALVRAAKRVPGSVVVVSIFVNPMQFGAGGDL
DAYPRTPDDDLAQLRAEGVEIAFTPTTAAMYPDGLRTTVQPGPLAAELEGGPRPTHFAGVLTVVLKLLQIVRPDRVFFGE
KDYQQLVLIRQLVADFNLDVAVVGVPTVREADGLAMSSRNRYLDPAQRAAAVALSAALTAAAHAATAGAQAALDAARAVL
DAAPGVAVDYLELRDIGLGPMPLNGSGRLLVAARLGTTRLLDNIAIEIGTFAGTDRPDGYR
;
_entity_poly.pdbx_strand_id   A,B
#
loop_
_chem_comp.id
_chem_comp.type
_chem_comp.name
_chem_comp.formula
BZ2 non-polymer '1-benzofuran-2-carboxylic acid' 'C9 H6 O3'
BZ3 non-polymer 5-methoxy-1H-indole 'C9 H9 N O'
EOH non-polymer ETHANOL 'C2 H6 O'
GOL non-polymer GLYCEROL 'C3 H8 O3'
SO4 non-polymer 'SULFATE ION' 'O4 S -2'
#
# COMPACT_ATOMS: atom_id res chain seq x y z
N ILE A 4 -1.89 24.95 1.01
CA ILE A 4 -3.37 25.06 1.15
C ILE A 4 -3.97 26.03 0.09
N PRO A 5 -4.81 25.50 -0.81
CA PRO A 5 -5.69 26.34 -1.63
C PRO A 5 -6.94 26.75 -0.82
N ALA A 6 -7.87 27.46 -1.44
CA ALA A 6 -9.08 27.91 -0.74
C ALA A 6 -10.02 26.77 -0.34
N PHE A 7 -10.58 26.88 0.87
CA PHE A 7 -11.68 26.05 1.34
C PHE A 7 -12.80 26.89 1.93
N HIS A 8 -13.92 26.90 1.23
CA HIS A 8 -15.12 27.62 1.68
C HIS A 8 -16.09 26.66 2.37
N PRO A 9 -16.17 26.71 3.71
CA PRO A 9 -17.07 25.81 4.43
C PRO A 9 -18.54 26.08 4.14
N GLY A 10 -19.37 25.06 4.33
CA GLY A 10 -20.78 25.11 4.00
C GLY A 10 -21.07 25.15 2.51
N GLU A 11 -20.02 24.93 1.71
CA GLU A 11 -20.12 24.91 0.26
C GLU A 11 -19.33 23.71 -0.31
N LEU A 12 -19.65 23.32 -1.53
CA LEU A 12 -18.90 22.24 -2.16
C LEU A 12 -17.66 22.82 -2.82
N ASN A 13 -16.51 22.33 -2.34
CA ASN A 13 -15.19 22.65 -2.89
C ASN A 13 -14.66 21.49 -3.73
N VAL A 14 -14.39 21.74 -5.01
CA VAL A 14 -13.90 20.68 -5.93
C VAL A 14 -12.40 20.85 -6.15
N TYR A 15 -11.61 19.81 -5.82
CA TYR A 15 -10.15 19.83 -6.09
C TYR A 15 -9.79 18.69 -7.03
N SER A 16 -9.00 18.98 -8.05
CA SER A 16 -8.50 17.91 -8.93
C SER A 16 -7.09 17.43 -8.56
N ALA A 17 -6.27 18.34 -8.06
CA ALA A 17 -4.87 18.04 -7.77
C ALA A 17 -4.77 17.25 -6.46
N PRO A 18 -4.11 16.07 -6.48
CA PRO A 18 -3.91 15.35 -5.22
C PRO A 18 -3.32 16.24 -4.11
N GLY A 19 -2.30 17.04 -4.45
CA GLY A 19 -1.65 17.96 -3.50
C GLY A 19 -2.63 18.91 -2.84
N ASP A 20 -3.58 19.43 -3.63
CA ASP A 20 -4.60 20.35 -3.10
C ASP A 20 -5.51 19.72 -2.03
N VAL A 21 -6.10 18.58 -2.35
CA VAL A 21 -6.97 17.94 -1.39
C VAL A 21 -6.17 17.47 -0.16
N ALA A 22 -4.92 17.07 -0.36
CA ALA A 22 -4.10 16.60 0.76
C ALA A 22 -3.85 17.77 1.71
N ASP A 23 -3.58 18.92 1.12
CA ASP A 23 -3.30 20.14 1.90
C ASP A 23 -4.51 20.59 2.71
N VAL A 24 -5.66 20.68 2.05
CA VAL A 24 -6.90 21.03 2.70
C VAL A 24 -7.28 20.02 3.79
N SER A 25 -7.19 18.71 3.49
CA SER A 25 -7.49 17.65 4.47
C SER A 25 -6.64 17.82 5.72
N ARG A 26 -5.34 18.04 5.50
CA ARG A 26 -4.36 18.14 6.58
C ARG A 26 -4.69 19.35 7.43
N ALA A 27 -5.03 20.44 6.78
CA ALA A 27 -5.36 21.69 7.48
C ALA A 27 -6.61 21.49 8.34
N LEU A 28 -7.65 20.89 7.74
CA LEU A 28 -8.88 20.60 8.44
C LEU A 28 -8.68 19.70 9.65
N ARG A 29 -7.86 18.67 9.50
CA ARG A 29 -7.64 17.74 10.59
C ARG A 29 -6.91 18.43 11.76
N LEU A 30 -5.99 19.31 11.42
CA LEU A 30 -5.24 20.04 12.44
C LEU A 30 -6.12 21.04 13.21
N THR A 31 -7.16 21.59 12.57
CA THR A 31 -8.09 22.46 13.27
C THR A 31 -9.19 21.66 13.97
N GLY A 32 -9.04 20.34 14.00
CA GLY A 32 -9.94 19.46 14.76
C GLY A 32 -11.13 18.81 14.05
N ARG A 33 -11.26 19.02 12.75
CA ARG A 33 -12.32 18.38 11.99
C ARG A 33 -11.89 16.92 11.76
N ARG A 34 -12.85 16.02 11.74
CA ARG A 34 -12.56 14.63 11.42
C ARG A 34 -12.88 14.37 9.94
N VAL A 35 -11.90 13.91 9.18
CA VAL A 35 -12.09 13.80 7.74
C VAL A 35 -12.71 12.45 7.42
N MET A 36 -13.85 12.47 6.73
CA MET A 36 -14.50 11.24 6.26
C MET A 36 -14.26 11.12 4.76
N LEU A 37 -13.93 9.91 4.33
CA LEU A 37 -13.76 9.64 2.89
C LEU A 37 -14.80 8.66 2.35
N VAL A 38 -15.50 9.05 1.28
CA VAL A 38 -16.38 8.16 0.54
C VAL A 38 -15.81 8.01 -0.89
N PRO A 39 -15.10 6.91 -1.14
CA PRO A 39 -14.55 6.73 -2.50
C PRO A 39 -15.61 6.22 -3.46
N THR A 40 -15.75 6.89 -4.60
CA THR A 40 -16.73 6.51 -5.62
C THR A 40 -16.13 6.55 -7.02
N MET A 41 -16.79 5.84 -7.94
CA MET A 41 -16.45 5.94 -9.35
C MET A 41 -17.50 6.79 -10.08
N GLY A 42 -18.15 7.70 -9.34
CA GLY A 42 -19.17 8.58 -9.94
C GLY A 42 -20.45 7.84 -10.29
N ALA A 43 -21.27 8.44 -11.16
CA ALA A 43 -22.60 7.89 -11.47
C ALA A 43 -23.35 7.59 -10.19
N LEU A 44 -23.49 8.61 -9.36
CA LEU A 44 -23.92 8.43 -8.00
C LEU A 44 -25.41 8.14 -7.94
N HIS A 45 -25.78 7.24 -7.05
CA HIS A 45 -27.16 6.89 -6.77
C HIS A 45 -27.40 6.93 -5.25
N GLU A 46 -28.61 6.58 -4.81
CA GLU A 46 -29.01 6.69 -3.42
C GLU A 46 -28.13 5.84 -2.48
N GLY A 47 -27.55 4.77 -3.04
CA GLY A 47 -26.58 3.95 -2.31
C GLY A 47 -25.37 4.78 -1.89
N HIS A 48 -24.80 5.49 -2.85
CA HIS A 48 -23.72 6.43 -2.53
C HIS A 48 -24.18 7.51 -1.55
N LEU A 49 -25.41 7.99 -1.68
CA LEU A 49 -25.89 9.08 -0.82
C LEU A 49 -26.06 8.58 0.63
N ALA A 50 -26.36 7.30 0.78
CA ALA A 50 -26.40 6.69 2.13
C ALA A 50 -25.02 6.68 2.79
N LEU A 51 -23.98 6.45 1.99
CA LEU A 51 -22.62 6.51 2.49
C LEU A 51 -22.30 7.92 2.92
N VAL A 52 -22.60 8.90 2.06
CA VAL A 52 -22.42 10.33 2.40
C VAL A 52 -23.13 10.69 3.73
N ARG A 53 -24.38 10.27 3.87
CA ARG A 53 -25.17 10.59 5.08
C ARG A 53 -24.59 9.98 6.34
N ALA A 54 -24.11 8.74 6.23
CA ALA A 54 -23.40 8.06 7.33
C ALA A 54 -22.15 8.80 7.75
N ALA A 55 -21.36 9.24 6.75
CA ALA A 55 -20.18 10.07 6.99
C ALA A 55 -20.59 11.36 7.70
N LYS A 56 -21.64 12.00 7.20
CA LYS A 56 -22.09 13.30 7.72
C LYS A 56 -22.47 13.23 9.20
N ARG A 57 -23.10 12.13 9.59
CA ARG A 57 -23.50 11.89 10.98
C ARG A 57 -22.38 11.85 12.00
N VAL A 58 -21.14 11.65 11.58
CA VAL A 58 -20.01 11.57 12.55
C VAL A 58 -19.77 12.99 13.04
N PRO A 59 -19.83 13.23 14.37
CA PRO A 59 -19.73 14.62 14.83
C PRO A 59 -18.41 15.28 14.44
N GLY A 60 -18.49 16.53 13.98
CA GLY A 60 -17.30 17.29 13.61
C GLY A 60 -16.71 16.91 12.25
N SER A 61 -17.41 16.06 11.52
CA SER A 61 -16.90 15.52 10.27
C SER A 61 -16.84 16.58 9.17
N VAL A 62 -15.84 16.45 8.29
CA VAL A 62 -15.88 17.10 6.97
C VAL A 62 -15.88 15.92 5.98
N VAL A 63 -16.74 15.96 4.96
CA VAL A 63 -16.90 14.77 4.10
C VAL A 63 -16.15 15.04 2.79
N VAL A 64 -15.29 14.11 2.40
CA VAL A 64 -14.61 14.13 1.12
C VAL A 64 -15.19 13.00 0.30
N VAL A 65 -15.75 13.34 -0.86
CA VAL A 65 -16.22 12.30 -1.74
C VAL A 65 -15.26 12.29 -2.92
N SER A 66 -14.64 11.15 -3.21
CA SER A 66 -13.76 11.12 -4.38
C SER A 66 -14.58 10.51 -5.52
N ILE A 67 -14.31 11.01 -6.72
CA ILE A 67 -14.89 10.49 -7.94
C ILE A 67 -13.76 10.21 -8.93
N PHE A 68 -13.56 8.96 -9.27
CA PHE A 68 -12.45 8.59 -10.14
C PHE A 68 -12.77 7.24 -10.72
N VAL A 69 -12.81 7.16 -12.05
CA VAL A 69 -13.06 5.88 -12.71
C VAL A 69 -11.68 5.34 -12.93
N ASN A 70 -11.39 4.28 -12.21
CA ASN A 70 -10.03 3.82 -12.06
C ASN A 70 -9.65 2.83 -13.15
N PRO A 71 -8.81 3.23 -14.13
CA PRO A 71 -8.56 2.27 -15.24
C PRO A 71 -7.96 0.93 -14.81
N MET A 72 -7.27 0.90 -13.67
CA MET A 72 -6.51 -0.29 -13.26
C MET A 72 -7.38 -1.48 -12.78
N GLN A 73 -8.64 -1.22 -12.47
CA GLN A 73 -9.55 -2.28 -12.01
C GLN A 73 -10.45 -2.81 -13.14
N PHE A 74 -10.25 -2.27 -14.34
CA PHE A 74 -10.91 -2.73 -15.54
C PHE A 74 -9.90 -3.51 -16.38
N GLY A 75 -10.31 -4.64 -16.96
CA GLY A 75 -9.51 -5.31 -17.98
C GLY A 75 -9.99 -4.83 -19.34
N ALA A 76 -9.23 -5.14 -20.40
CA ALA A 76 -9.68 -4.85 -21.78
C ALA A 76 -11.07 -5.47 -22.02
N GLY A 77 -11.88 -4.94 -22.95
CA GLY A 77 -11.52 -3.84 -23.86
C GLY A 77 -11.59 -2.41 -23.34
N GLY A 78 -12.78 -1.80 -23.22
CA GLY A 78 -14.10 -2.42 -23.37
C GLY A 78 -14.99 -1.90 -22.25
N ASP A 79 -14.77 -2.45 -21.06
CA ASP A 79 -15.50 -2.09 -19.84
C ASP A 79 -15.23 -0.67 -19.38
N LEU A 80 -13.97 -0.24 -19.47
CA LEU A 80 -13.56 1.10 -19.03
C LEU A 80 -14.31 2.20 -19.78
N ASP A 81 -14.37 2.09 -21.12
CA ASP A 81 -15.08 3.11 -21.93
C ASP A 81 -16.58 3.14 -21.68
N ALA A 82 -17.12 1.99 -21.25
CA ALA A 82 -18.56 1.79 -21.04
C ALA A 82 -19.08 2.24 -19.66
N TYR A 83 -18.17 2.50 -18.72
CA TYR A 83 -18.61 2.89 -17.38
C TYR A 83 -19.36 4.23 -17.42
N PRO A 84 -20.56 4.32 -16.77
CA PRO A 84 -21.36 5.57 -16.90
C PRO A 84 -20.65 6.78 -16.31
N ARG A 85 -20.58 7.86 -17.06
CA ARG A 85 -19.96 9.08 -16.54
C ARG A 85 -20.98 10.23 -16.57
N THR A 86 -21.36 10.72 -15.38
CA THR A 86 -22.32 11.83 -15.26
C THR A 86 -21.89 12.85 -14.19
N PRO A 87 -20.73 13.53 -14.39
CA PRO A 87 -20.18 14.45 -13.41
C PRO A 87 -21.12 15.61 -13.03
N ASP A 88 -21.95 16.06 -13.97
CA ASP A 88 -22.91 17.13 -13.74
C ASP A 88 -23.92 16.72 -12.67
N ASP A 89 -24.59 15.59 -12.88
CA ASP A 89 -25.45 15.00 -11.85
C ASP A 89 -24.68 14.79 -10.53
N ASP A 90 -23.50 14.17 -10.59
CA ASP A 90 -22.77 13.81 -9.35
C ASP A 90 -22.54 15.01 -8.41
N LEU A 91 -21.89 16.04 -8.92
CA LEU A 91 -21.56 17.22 -8.15
C LEU A 91 -22.80 17.95 -7.63
N ALA A 92 -23.86 17.95 -8.44
CA ALA A 92 -25.16 18.49 -8.02
C ALA A 92 -25.76 17.70 -6.84
N GLN A 93 -25.73 16.37 -6.92
CA GLN A 93 -26.15 15.54 -5.79
C GLN A 93 -25.32 15.83 -4.53
N LEU A 94 -24.01 16.05 -4.70
CA LEU A 94 -23.14 16.33 -3.56
C LEU A 94 -23.46 17.68 -2.93
N ARG A 95 -23.66 18.71 -3.77
CA ARG A 95 -24.10 20.02 -3.25
C ARG A 95 -25.38 19.90 -2.42
N ALA A 96 -26.36 19.16 -2.94
CA ALA A 96 -27.64 18.94 -2.27
C ALA A 96 -27.51 18.18 -0.95
N GLU A 97 -26.40 17.47 -0.76
CA GLU A 97 -26.20 16.68 0.46
C GLU A 97 -25.34 17.44 1.48
N GLY A 98 -24.94 18.65 1.11
CA GLY A 98 -24.08 19.50 1.90
C GLY A 98 -22.67 18.93 2.09
N VAL A 99 -22.22 18.09 1.16
CA VAL A 99 -20.82 17.64 1.15
C VAL A 99 -19.95 18.85 0.84
N GLU A 100 -18.86 18.97 1.57
CA GLU A 100 -17.97 20.10 1.43
C GLU A 100 -16.75 19.90 0.52
N ILE A 101 -16.32 18.66 0.31
CA ILE A 101 -15.18 18.40 -0.58
C ILE A 101 -15.47 17.28 -1.60
N ALA A 102 -15.33 17.61 -2.89
CA ALA A 102 -15.23 16.56 -3.89
C ALA A 102 -13.80 16.51 -4.43
N PHE A 103 -13.26 15.30 -4.61
CA PHE A 103 -11.89 15.16 -5.11
C PHE A 103 -12.00 14.45 -6.47
N THR A 104 -11.61 15.10 -7.54
CA THR A 104 -11.89 14.59 -8.89
C THR A 104 -10.56 14.58 -9.66
N PRO A 105 -9.66 13.65 -9.29
CA PRO A 105 -8.32 13.63 -9.92
C PRO A 105 -8.33 13.14 -11.37
N THR A 106 -7.33 13.55 -12.14
CA THR A 106 -7.13 13.01 -13.49
C THR A 106 -6.41 11.67 -13.45
N THR A 107 -6.49 10.92 -14.56
CA THR A 107 -5.75 9.67 -14.68
C THR A 107 -4.24 9.94 -14.60
N ALA A 108 -3.81 11.01 -15.27
CA ALA A 108 -2.38 11.38 -15.25
C ALA A 108 -1.88 11.69 -13.87
N ALA A 109 -2.73 12.29 -13.04
CA ALA A 109 -2.29 12.70 -11.70
C ALA A 109 -2.22 11.46 -10.81
N MET A 110 -3.08 10.47 -11.08
CA MET A 110 -3.11 9.24 -10.27
C MET A 110 -2.07 8.23 -10.72
N TYR A 111 -1.79 8.20 -12.02
CA TYR A 111 -0.90 7.21 -12.57
C TYR A 111 0.19 7.85 -13.45
N PRO A 112 0.95 8.83 -12.88
CA PRO A 112 1.93 9.51 -13.71
C PRO A 112 3.03 8.53 -14.19
N ASP A 113 3.23 7.42 -13.48
CA ASP A 113 4.23 6.42 -13.89
C ASP A 113 3.64 5.11 -14.40
N GLY A 114 2.37 5.17 -14.79
CA GLY A 114 1.66 3.97 -15.22
C GLY A 114 1.45 3.00 -14.06
N LEU A 115 1.50 1.70 -14.34
CA LEU A 115 1.39 0.72 -13.27
C LEU A 115 2.80 0.33 -12.91
N ARG A 116 3.26 0.82 -11.77
CA ARG A 116 4.61 0.52 -11.31
C ARG A 116 4.48 -0.21 -9.97
N THR A 117 4.52 0.47 -8.83
CA THR A 117 4.30 -0.26 -7.57
C THR A 117 2.78 -0.41 -7.45
N THR A 118 2.33 -1.61 -7.09
CA THR A 118 0.89 -1.88 -6.95
C THR A 118 0.67 -2.73 -5.71
N VAL A 119 -0.60 -2.89 -5.34
CA VAL A 119 -0.96 -3.77 -4.24
C VAL A 119 -1.30 -5.15 -4.80
N GLN A 120 -0.73 -6.16 -4.17
CA GLN A 120 -1.06 -7.54 -4.48
C GLN A 120 -2.02 -8.06 -3.38
N PRO A 121 -3.30 -8.26 -3.74
CA PRO A 121 -4.23 -8.74 -2.72
C PRO A 121 -3.93 -10.18 -2.29
N GLY A 122 -4.45 -10.58 -1.15
CA GLY A 122 -4.42 -12.00 -0.74
C GLY A 122 -5.26 -12.88 -1.67
N PRO A 123 -5.30 -14.19 -1.37
CA PRO A 123 -5.92 -15.22 -2.21
C PRO A 123 -7.42 -14.99 -2.44
N LEU A 124 -8.08 -14.26 -1.52
CA LEU A 124 -9.51 -13.94 -1.71
C LEU A 124 -9.73 -13.26 -3.06
N ALA A 125 -8.74 -12.48 -3.53
CA ALA A 125 -8.93 -11.73 -4.78
C ALA A 125 -9.07 -12.62 -6.02
N ALA A 126 -8.69 -13.90 -5.89
CA ALA A 126 -8.73 -14.85 -7.02
C ALA A 126 -10.07 -15.56 -7.12
N GLU A 127 -10.90 -15.39 -6.10
CA GLU A 127 -12.19 -16.09 -6.02
C GLU A 127 -13.35 -15.18 -6.29
N LEU A 128 -14.52 -15.79 -6.53
CA LEU A 128 -15.79 -15.06 -6.74
C LEU A 128 -15.69 -14.07 -7.89
N GLU A 129 -15.80 -12.76 -7.60
CA GLU A 129 -15.62 -11.75 -8.65
C GLU A 129 -14.24 -11.82 -9.31
N GLY A 130 -13.25 -12.27 -8.57
CA GLY A 130 -11.86 -12.28 -9.07
C GLY A 130 -11.54 -13.47 -9.99
N GLY A 131 -12.39 -14.49 -9.99
CA GLY A 131 -12.14 -15.70 -10.79
C GLY A 131 -11.77 -15.46 -12.26
N PRO A 132 -12.71 -14.87 -13.03
CA PRO A 132 -12.51 -14.49 -14.43
C PRO A 132 -11.79 -13.16 -14.62
N ARG A 133 -11.49 -12.46 -13.52
CA ARG A 133 -10.90 -11.10 -13.59
C ARG A 133 -9.75 -11.04 -12.60
N PRO A 134 -8.67 -11.77 -12.90
CA PRO A 134 -7.62 -12.02 -11.89
C PRO A 134 -6.87 -10.75 -11.42
N THR A 135 -6.95 -9.65 -12.16
CA THR A 135 -6.28 -8.40 -11.74
C THR A 135 -7.23 -7.32 -11.22
N HIS A 136 -8.53 -7.62 -11.18
CA HIS A 136 -9.51 -6.61 -10.84
C HIS A 136 -9.27 -6.02 -9.44
N PHE A 137 -9.16 -6.89 -8.45
CA PHE A 137 -9.04 -6.38 -7.08
C PHE A 137 -7.65 -5.77 -6.76
N ALA A 138 -6.60 -6.20 -7.46
CA ALA A 138 -5.32 -5.45 -7.38
C ALA A 138 -5.54 -3.98 -7.77
N GLY A 139 -6.32 -3.76 -8.83
CA GLY A 139 -6.65 -2.38 -9.26
C GLY A 139 -7.41 -1.59 -8.20
N VAL A 140 -8.39 -2.24 -7.59
CA VAL A 140 -9.21 -1.60 -6.57
C VAL A 140 -8.37 -1.28 -5.33
N LEU A 141 -7.62 -2.25 -4.84
CA LEU A 141 -6.88 -2.00 -3.63
C LEU A 141 -5.77 -0.98 -3.85
N THR A 142 -5.18 -0.95 -5.04
CA THR A 142 -4.13 0.05 -5.33
C THR A 142 -4.73 1.47 -5.27
N VAL A 143 -5.88 1.66 -5.91
CA VAL A 143 -6.47 3.01 -5.95
C VAL A 143 -6.95 3.40 -4.53
N VAL A 144 -7.53 2.46 -3.80
CA VAL A 144 -8.00 2.80 -2.49
C VAL A 144 -6.83 3.17 -1.56
N LEU A 145 -5.73 2.41 -1.64
CA LEU A 145 -4.54 2.75 -0.85
C LEU A 145 -4.11 4.17 -1.17
N LYS A 146 -4.04 4.49 -2.45
CA LYS A 146 -3.58 5.83 -2.86
C LYS A 146 -4.52 6.92 -2.31
N LEU A 147 -5.83 6.71 -2.42
CA LEU A 147 -6.84 7.67 -1.93
C LEU A 147 -6.71 7.84 -0.45
N LEU A 148 -6.46 6.74 0.25
CA LEU A 148 -6.29 6.80 1.70
C LEU A 148 -5.05 7.60 2.09
N GLN A 149 -3.98 7.50 1.30
CA GLN A 149 -2.76 8.25 1.56
C GLN A 149 -2.87 9.72 1.22
N ILE A 150 -3.59 10.04 0.15
CA ILE A 150 -3.81 11.42 -0.26
C ILE A 150 -4.67 12.16 0.76
N VAL A 151 -5.80 11.55 1.11
CA VAL A 151 -6.83 12.19 1.95
C VAL A 151 -6.60 11.98 3.45
N ARG A 152 -5.92 10.89 3.85
CA ARG A 152 -5.70 10.54 5.26
C ARG A 152 -6.96 10.74 6.09
N PRO A 153 -8.03 10.02 5.74
CA PRO A 153 -9.25 10.19 6.53
C PRO A 153 -9.19 9.43 7.83
N ASP A 154 -10.01 9.86 8.79
CA ASP A 154 -10.28 9.06 9.99
C ASP A 154 -11.10 7.79 9.74
N ARG A 155 -12.08 7.89 8.83
CA ARG A 155 -12.95 6.78 8.49
C ARG A 155 -13.21 6.80 6.98
N VAL A 156 -13.34 5.62 6.43
CA VAL A 156 -13.66 5.45 5.00
C VAL A 156 -14.90 4.56 4.86
N PHE A 157 -15.79 4.93 3.93
CA PHE A 157 -17.12 4.36 3.89
C PHE A 157 -17.34 3.61 2.58
N PHE A 158 -17.80 2.36 2.69
CA PHE A 158 -18.12 1.52 1.52
C PHE A 158 -19.47 0.84 1.71
N GLY A 159 -20.20 0.63 0.62
CA GLY A 159 -21.45 -0.14 0.67
C GLY A 159 -21.19 -1.61 0.90
N GLU A 160 -22.14 -2.31 1.50
CA GLU A 160 -22.05 -3.78 1.60
C GLU A 160 -22.38 -4.49 0.28
N LYS A 161 -22.95 -3.78 -0.71
CA LYS A 161 -23.36 -4.45 -1.94
C LYS A 161 -22.16 -5.14 -2.58
N ASP A 162 -21.01 -4.46 -2.60
CA ASP A 162 -19.83 -5.06 -3.14
C ASP A 162 -19.07 -5.64 -1.98
N TYR A 163 -19.60 -6.78 -1.50
CA TYR A 163 -19.18 -7.30 -0.21
C TYR A 163 -17.75 -7.78 -0.25
N GLN A 164 -17.40 -8.50 -1.31
CA GLN A 164 -16.03 -9.00 -1.44
C GLN A 164 -15.04 -7.86 -1.48
N GLN A 165 -15.37 -6.80 -2.20
CA GLN A 165 -14.53 -5.61 -2.21
C GLN A 165 -14.33 -5.08 -0.79
N LEU A 166 -15.41 -4.99 -0.01
CA LEU A 166 -15.36 -4.45 1.37
C LEU A 166 -14.44 -5.28 2.24
N VAL A 167 -14.55 -6.59 2.13
CA VAL A 167 -13.72 -7.50 2.92
C VAL A 167 -12.24 -7.31 2.54
N LEU A 168 -11.97 -7.18 1.25
CA LEU A 168 -10.59 -7.06 0.79
C LEU A 168 -10.03 -5.74 1.23
N ILE A 169 -10.88 -4.72 1.28
CA ILE A 169 -10.41 -3.43 1.81
C ILE A 169 -10.11 -3.53 3.32
N ARG A 170 -10.93 -4.24 4.09
CA ARG A 170 -10.58 -4.48 5.50
C ARG A 170 -9.24 -5.22 5.58
N GLN A 171 -8.99 -6.18 4.67
CA GLN A 171 -7.69 -6.87 4.67
C GLN A 171 -6.53 -5.90 4.42
N LEU A 172 -6.69 -5.03 3.43
CA LEU A 172 -5.68 -4.01 3.10
C LEU A 172 -5.36 -3.17 4.32
N VAL A 173 -6.42 -2.70 4.97
CA VAL A 173 -6.25 -1.79 6.12
C VAL A 173 -5.52 -2.53 7.23
N ALA A 174 -5.96 -3.74 7.55
CA ALA A 174 -5.28 -4.53 8.59
C ALA A 174 -3.82 -4.88 8.23
N ASP A 175 -3.62 -5.36 7.02
CA ASP A 175 -2.34 -5.94 6.58
C ASP A 175 -1.23 -4.90 6.40
N PHE A 176 -1.63 -3.67 6.05
CA PHE A 176 -0.66 -2.57 5.95
C PHE A 176 -0.71 -1.59 7.13
N ASN A 177 -1.38 -1.97 8.24
CA ASN A 177 -1.46 -1.13 9.45
C ASN A 177 -1.95 0.30 9.18
N LEU A 178 -2.91 0.43 8.26
CA LEU A 178 -3.48 1.74 7.95
C LEU A 178 -4.29 2.26 9.12
N ASP A 179 -4.08 3.53 9.41
CA ASP A 179 -4.71 4.15 10.57
C ASP A 179 -6.00 4.83 10.10
N VAL A 180 -6.95 4.00 9.66
CA VAL A 180 -8.29 4.43 9.21
C VAL A 180 -9.30 3.39 9.67
N ALA A 181 -10.50 3.82 10.03
CA ALA A 181 -11.58 2.87 10.33
C ALA A 181 -12.44 2.63 9.08
N VAL A 182 -12.62 1.36 8.73
CA VAL A 182 -13.47 1.01 7.56
C VAL A 182 -14.92 0.79 8.05
N VAL A 183 -15.84 1.56 7.45
CA VAL A 183 -17.24 1.50 7.81
C VAL A 183 -18.02 0.93 6.66
N GLY A 184 -18.64 -0.23 6.91
CA GLY A 184 -19.50 -0.83 5.89
C GLY A 184 -20.92 -0.37 6.11
N VAL A 185 -21.60 0.05 5.04
CA VAL A 185 -22.95 0.56 5.17
C VAL A 185 -23.95 -0.38 4.49
N PRO A 186 -25.06 -0.72 5.19
CA PRO A 186 -26.00 -1.67 4.56
C PRO A 186 -26.53 -1.22 3.20
N THR A 187 -26.65 -2.17 2.30
CA THR A 187 -27.11 -1.94 0.92
C THR A 187 -28.46 -1.21 0.86
N VAL A 188 -28.49 -0.11 0.13
CA VAL A 188 -29.74 0.60 -0.15
C VAL A 188 -30.45 -0.13 -1.30
N ARG A 189 -31.78 -0.31 -1.18
CA ARG A 189 -32.55 -1.10 -2.15
C ARG A 189 -33.74 -0.33 -2.70
N GLU A 190 -34.13 -0.63 -3.93
CA GLU A 190 -35.37 -0.11 -4.49
C GLU A 190 -36.54 -0.72 -3.69
N ALA A 191 -37.76 -0.23 -3.90
CA ALA A 191 -38.91 -0.68 -3.10
C ALA A 191 -39.17 -2.19 -3.17
N ASP A 192 -38.80 -2.82 -4.27
CA ASP A 192 -39.06 -4.24 -4.43
C ASP A 192 -37.93 -5.12 -3.91
N GLY A 193 -36.85 -4.48 -3.42
CA GLY A 193 -35.68 -5.21 -2.94
C GLY A 193 -34.43 -5.13 -3.82
N LEU A 194 -34.55 -4.74 -5.10
CA LEU A 194 -33.36 -4.66 -5.99
C LEU A 194 -32.25 -3.79 -5.39
N ALA A 195 -31.04 -4.35 -5.25
CA ALA A 195 -29.90 -3.58 -4.73
C ALA A 195 -29.57 -2.40 -5.65
N MET A 196 -29.41 -1.19 -5.10
CA MET A 196 -28.88 -0.05 -5.89
C MET A 196 -27.57 -0.38 -6.61
N SER A 197 -27.48 0.03 -7.88
CA SER A 197 -26.26 -0.16 -8.65
C SER A 197 -26.29 0.75 -9.86
N SER A 198 -25.12 1.27 -10.23
CA SER A 198 -24.96 2.05 -11.47
C SER A 198 -25.24 1.19 -12.71
N ARG A 199 -25.25 -0.13 -12.54
CA ARG A 199 -25.56 -1.06 -13.64
C ARG A 199 -27.06 -1.27 -13.88
N ASN A 200 -27.90 -0.88 -12.91
CA ASN A 200 -29.35 -1.07 -13.02
C ASN A 200 -29.94 -0.34 -14.23
N ARG A 201 -29.27 0.72 -14.69
CA ARG A 201 -29.74 1.53 -15.84
C ARG A 201 -29.68 0.74 -17.15
N TYR A 202 -28.93 -0.38 -17.15
CA TYR A 202 -28.80 -1.19 -18.34
C TYR A 202 -29.82 -2.31 -18.41
N LEU A 203 -30.78 -2.33 -17.48
CA LEU A 203 -31.86 -3.32 -17.50
C LEU A 203 -33.04 -2.73 -18.22
N ASP A 204 -33.51 -3.44 -19.24
CA ASP A 204 -34.76 -3.00 -19.88
C ASP A 204 -35.93 -3.36 -18.94
N PRO A 205 -37.15 -2.83 -19.22
CA PRO A 205 -38.31 -3.13 -18.39
C PRO A 205 -38.51 -4.60 -18.01
N ALA A 206 -38.35 -5.51 -18.97
CA ALA A 206 -38.46 -6.94 -18.68
C ALA A 206 -37.36 -7.39 -17.71
N GLN A 207 -36.12 -7.02 -17.99
CA GLN A 207 -34.98 -7.43 -17.15
C GLN A 207 -35.08 -6.80 -15.76
N ARG A 208 -35.57 -5.56 -15.70
CA ARG A 208 -35.80 -4.91 -14.41
C ARG A 208 -36.76 -5.74 -13.56
N ALA A 209 -37.83 -6.24 -14.19
CA ALA A 209 -38.83 -7.08 -13.53
C ALA A 209 -38.21 -8.38 -13.03
N ALA A 210 -37.45 -9.05 -13.88
CA ALA A 210 -36.83 -10.33 -13.54
C ALA A 210 -35.78 -10.17 -12.45
N ALA A 211 -35.11 -9.02 -12.44
CA ALA A 211 -33.98 -8.77 -11.53
C ALA A 211 -34.35 -8.79 -10.03
N VAL A 212 -35.64 -8.67 -9.71
CA VAL A 212 -36.08 -8.74 -8.32
C VAL A 212 -35.72 -10.12 -7.73
N ALA A 213 -35.52 -11.10 -8.61
CA ALA A 213 -35.26 -12.48 -8.15
C ALA A 213 -33.99 -12.64 -7.33
N LEU A 214 -33.00 -11.78 -7.57
CA LEU A 214 -31.77 -11.90 -6.79
C LEU A 214 -32.04 -11.63 -5.31
N SER A 215 -32.68 -10.50 -5.03
CA SER A 215 -32.96 -10.09 -3.64
C SER A 215 -34.04 -10.99 -3.03
N ALA A 216 -35.01 -11.41 -3.85
CA ALA A 216 -36.06 -12.36 -3.37
C ALA A 216 -35.44 -13.69 -2.96
N ALA A 217 -34.48 -14.16 -3.76
CA ALA A 217 -33.80 -15.44 -3.49
C ALA A 217 -32.99 -15.35 -2.19
N LEU A 218 -32.27 -14.23 -2.02
CA LEU A 218 -31.45 -13.99 -0.83
C LEU A 218 -32.29 -13.89 0.44
N THR A 219 -33.36 -13.08 0.42
CA THR A 219 -34.22 -12.93 1.60
C THR A 219 -34.98 -14.24 1.92
N ALA A 220 -35.40 -14.96 0.88
CA ALA A 220 -35.97 -16.32 1.11
C ALA A 220 -34.97 -17.25 1.82
N ALA A 221 -33.72 -17.27 1.34
CA ALA A 221 -32.65 -18.05 1.99
C ALA A 221 -32.46 -17.62 3.43
N ALA A 222 -32.43 -16.32 3.69
CA ALA A 222 -32.18 -15.87 5.07
C ALA A 222 -33.23 -16.40 6.02
N HIS A 223 -34.47 -16.50 5.54
CA HIS A 223 -35.55 -16.99 6.37
C HIS A 223 -35.62 -18.51 6.44
N ALA A 224 -35.25 -19.16 5.35
CA ALA A 224 -35.22 -20.63 5.30
C ALA A 224 -34.14 -21.22 6.20
N ALA A 225 -33.17 -20.36 6.56
CA ALA A 225 -31.91 -20.76 7.19
C ALA A 225 -32.10 -21.32 8.60
N THR A 226 -33.30 -21.15 9.17
CA THR A 226 -33.60 -21.81 10.46
C THR A 226 -33.54 -23.31 10.30
N ALA A 227 -33.83 -23.75 9.09
CA ALA A 227 -33.80 -25.15 8.71
C ALA A 227 -32.45 -25.64 8.19
N GLY A 228 -31.44 -24.77 8.21
CA GLY A 228 -30.07 -25.17 7.87
C GLY A 228 -29.56 -24.64 6.56
N ALA A 229 -28.28 -24.88 6.29
CA ALA A 229 -27.63 -24.34 5.09
C ALA A 229 -28.16 -24.90 3.79
N GLN A 230 -28.43 -26.20 3.74
CA GLN A 230 -28.94 -26.81 2.53
C GLN A 230 -30.30 -26.18 2.15
N ALA A 231 -31.16 -26.02 3.13
CA ALA A 231 -32.47 -25.40 2.92
C ALA A 231 -32.34 -23.96 2.43
N ALA A 232 -31.45 -23.19 3.06
CA ALA A 232 -31.23 -21.80 2.66
C ALA A 232 -30.78 -21.73 1.19
N LEU A 233 -29.74 -22.49 0.86
CA LEU A 233 -29.25 -22.54 -0.50
C LEU A 233 -30.31 -23.01 -1.51
N ASP A 234 -31.03 -24.08 -1.17
CA ASP A 234 -32.05 -24.62 -2.08
C ASP A 234 -33.22 -23.65 -2.29
N ALA A 235 -33.58 -22.88 -1.25
CA ALA A 235 -34.64 -21.87 -1.41
C ALA A 235 -34.19 -20.79 -2.40
N ALA A 236 -32.97 -20.29 -2.21
CA ALA A 236 -32.41 -19.27 -3.12
C ALA A 236 -32.36 -19.82 -4.55
N ARG A 237 -31.89 -21.05 -4.70
CA ARG A 237 -31.76 -21.63 -6.03
C ARG A 237 -33.12 -21.75 -6.71
N ALA A 238 -34.13 -22.11 -5.92
CA ALA A 238 -35.48 -22.31 -6.42
C ALA A 238 -36.05 -21.01 -6.98
N VAL A 239 -35.86 -19.92 -6.24
CA VAL A 239 -36.30 -18.58 -6.67
C VAL A 239 -35.56 -18.18 -7.94
N LEU A 240 -34.24 -18.36 -7.96
CA LEU A 240 -33.47 -18.00 -9.18
C LEU A 240 -33.91 -18.82 -10.38
N ASP A 241 -34.12 -20.12 -10.16
CA ASP A 241 -34.64 -21.01 -11.24
C ASP A 241 -36.04 -20.60 -11.76
N ALA A 242 -36.83 -19.94 -10.92
CA ALA A 242 -38.17 -19.51 -11.31
C ALA A 242 -38.11 -18.24 -12.15
N ALA A 243 -36.92 -17.67 -12.30
CA ALA A 243 -36.76 -16.32 -12.88
C ALA A 243 -36.36 -16.39 -14.34
N PRO A 244 -37.20 -15.79 -15.20
CA PRO A 244 -37.04 -15.71 -16.64
C PRO A 244 -35.76 -14.99 -17.03
N GLY A 245 -34.81 -15.73 -17.58
CA GLY A 245 -33.63 -15.10 -18.17
C GLY A 245 -32.76 -14.40 -17.15
N VAL A 246 -32.75 -14.97 -15.94
CA VAL A 246 -31.69 -14.69 -15.00
C VAL A 246 -30.72 -15.86 -15.18
N ALA A 247 -29.49 -15.55 -15.56
CA ALA A 247 -28.46 -16.58 -15.70
C ALA A 247 -27.45 -16.46 -14.57
N VAL A 248 -27.46 -17.42 -13.67
CA VAL A 248 -26.62 -17.38 -12.49
C VAL A 248 -25.17 -17.70 -12.80
N ASP A 249 -24.26 -16.79 -12.41
CA ASP A 249 -22.81 -17.06 -12.42
C ASP A 249 -22.38 -17.84 -11.19
N TYR A 250 -22.70 -17.34 -10.00
CA TYR A 250 -22.47 -18.12 -8.77
C TYR A 250 -23.50 -17.82 -7.69
N LEU A 251 -23.63 -18.74 -6.75
CA LEU A 251 -24.44 -18.49 -5.55
C LEU A 251 -23.70 -19.25 -4.46
N GLU A 252 -23.10 -18.53 -3.52
CA GLU A 252 -22.25 -19.18 -2.54
C GLU A 252 -22.47 -18.69 -1.13
N LEU A 253 -22.47 -19.63 -0.22
CA LEU A 253 -22.62 -19.30 1.18
C LEU A 253 -21.25 -19.43 1.82
N ARG A 254 -20.73 -18.32 2.36
CA ARG A 254 -19.40 -18.32 2.95
C ARG A 254 -19.43 -17.81 4.37
N ASP A 255 -18.34 -18.01 5.09
CA ASP A 255 -18.13 -17.29 6.34
C ASP A 255 -18.18 -15.77 6.10
N ILE A 256 -18.44 -14.99 7.15
CA ILE A 256 -18.49 -13.53 6.98
C ILE A 256 -17.20 -12.87 6.47
N GLY A 257 -16.05 -13.47 6.74
CA GLY A 257 -14.78 -12.96 6.22
C GLY A 257 -14.46 -13.52 4.84
N LEU A 258 -15.36 -14.37 4.31
CA LEU A 258 -15.23 -15.00 2.98
C LEU A 258 -14.02 -15.92 2.80
N GLY A 259 -13.29 -16.15 3.89
CA GLY A 259 -11.90 -16.64 3.84
C GLY A 259 -11.73 -18.11 4.16
N PRO A 260 -10.50 -18.55 4.52
CA PRO A 260 -10.15 -19.97 4.74
C PRO A 260 -10.67 -20.58 6.05
N MET A 261 -11.98 -20.45 6.27
CA MET A 261 -12.64 -20.94 7.48
C MET A 261 -14.01 -21.48 7.11
N PRO A 262 -14.42 -22.60 7.76
CA PRO A 262 -15.74 -23.12 7.43
C PRO A 262 -16.85 -22.21 7.96
N LEU A 263 -18.01 -22.28 7.31
CA LEU A 263 -19.22 -21.61 7.79
C LEU A 263 -19.64 -22.18 9.16
N ASN A 264 -19.87 -21.28 10.12
CA ASN A 264 -20.46 -21.67 11.44
C ASN A 264 -21.94 -21.26 11.58
N GLY A 265 -22.23 -20.36 12.51
CA GLY A 265 -23.57 -19.84 12.72
C GLY A 265 -23.86 -18.60 11.90
N SER A 266 -22.80 -17.90 11.49
CA SER A 266 -22.95 -16.63 10.77
C SER A 266 -22.21 -16.66 9.45
N GLY A 267 -22.93 -16.30 8.39
CA GLY A 267 -22.34 -16.35 7.09
C GLY A 267 -22.84 -15.24 6.21
N ARG A 268 -22.41 -15.29 4.96
CA ARG A 268 -22.85 -14.33 3.97
C ARG A 268 -23.21 -15.14 2.75
N LEU A 269 -24.40 -14.88 2.18
CA LEU A 269 -24.80 -15.54 0.95
C LEU A 269 -24.62 -14.54 -0.19
N LEU A 270 -23.85 -14.95 -1.20
CA LEU A 270 -23.52 -14.05 -2.30
C LEU A 270 -24.01 -14.60 -3.61
N VAL A 271 -24.53 -13.70 -4.43
CA VAL A 271 -25.03 -14.10 -5.75
C VAL A 271 -24.50 -13.13 -6.83
N ALA A 272 -24.15 -13.66 -7.99
CA ALA A 272 -23.91 -12.84 -9.18
C ALA A 272 -24.66 -13.49 -10.32
N ALA A 273 -25.32 -12.68 -11.14
CA ALA A 273 -26.13 -13.22 -12.24
C ALA A 273 -26.15 -12.28 -13.40
N ARG A 274 -26.35 -12.80 -14.62
CA ARG A 274 -26.50 -11.95 -15.81
C ARG A 274 -27.96 -11.81 -16.21
N LEU A 275 -28.35 -10.57 -16.53
CA LEU A 275 -29.62 -10.31 -17.17
C LEU A 275 -29.32 -9.70 -18.54
N GLY A 276 -29.39 -10.51 -19.59
CA GLY A 276 -28.83 -10.08 -20.87
C GLY A 276 -27.33 -9.89 -20.74
N THR A 277 -26.84 -8.69 -20.99
CA THR A 277 -25.40 -8.44 -20.87
C THR A 277 -25.03 -7.80 -19.53
N THR A 278 -26.06 -7.47 -18.75
CA THR A 278 -25.85 -6.78 -17.47
C THR A 278 -25.60 -7.76 -16.33
N ARG A 279 -24.46 -7.60 -15.65
CA ARG A 279 -24.10 -8.53 -14.57
C ARG A 279 -24.49 -7.85 -13.26
N LEU A 280 -25.27 -8.56 -12.45
CA LEU A 280 -25.76 -7.98 -11.19
C LEU A 280 -25.22 -8.79 -9.99
N LEU A 281 -24.94 -8.10 -8.88
CA LEU A 281 -24.45 -8.74 -7.65
C LEU A 281 -25.40 -8.43 -6.53
N ASP A 282 -25.50 -9.33 -5.56
CA ASP A 282 -26.18 -8.96 -4.32
C ASP A 282 -25.67 -9.93 -3.26
N ASN A 283 -25.92 -9.61 -1.98
CA ASN A 283 -25.52 -10.54 -0.91
C ASN A 283 -26.34 -10.20 0.33
N ILE A 284 -26.35 -11.11 1.32
CA ILE A 284 -27.13 -10.88 2.52
C ILE A 284 -26.48 -11.65 3.65
N ALA A 285 -26.69 -11.15 4.87
CA ALA A 285 -26.28 -11.84 6.07
C ALA A 285 -27.20 -13.02 6.24
N ILE A 286 -26.62 -14.15 6.62
CA ILE A 286 -27.33 -15.43 6.85
C ILE A 286 -26.95 -15.89 8.28
N GLU A 287 -27.95 -16.19 9.12
CA GLU A 287 -27.70 -16.93 10.37
C GLU A 287 -28.25 -18.35 10.26
N ILE A 288 -27.39 -19.35 10.45
CA ILE A 288 -27.83 -20.74 10.33
C ILE A 288 -28.48 -21.20 11.67
N GLY A 289 -29.69 -21.75 11.62
CA GLY A 289 -30.42 -22.18 12.83
C GLY A 289 -30.94 -21.09 13.80
N THR A 290 -31.17 -19.89 13.29
CA THR A 290 -31.54 -18.71 14.12
C THR A 290 -32.78 -17.97 13.57
N PHE A 291 -33.83 -17.87 14.39
CA PHE A 291 -35.16 -17.36 13.95
C PHE A 291 -35.42 -15.87 14.28
N ALA B 3 -5.74 6.30 26.31
CA ALA B 3 -4.48 6.45 27.12
C ALA B 3 -3.23 6.11 26.30
N ILE B 4 -2.27 7.03 26.32
CA ILE B 4 -1.02 6.88 25.57
C ILE B 4 0.00 6.12 26.43
N PRO B 5 0.71 5.13 25.85
CA PRO B 5 1.70 4.37 26.63
C PRO B 5 2.74 5.27 27.29
N ALA B 6 3.39 4.76 28.33
CA ALA B 6 4.42 5.53 29.01
C ALA B 6 5.55 5.92 28.05
N PHE B 7 5.99 7.19 28.09
CA PHE B 7 7.17 7.62 27.34
C PHE B 7 8.04 8.57 28.15
N HIS B 8 9.28 8.16 28.40
CA HIS B 8 10.23 8.96 29.16
C HIS B 8 11.26 9.60 28.25
N PRO B 9 11.13 10.92 28.03
CA PRO B 9 12.05 11.71 27.20
C PRO B 9 13.48 11.59 27.68
N GLY B 10 14.40 11.54 26.72
CA GLY B 10 15.82 11.46 27.01
C GLY B 10 16.27 10.06 27.43
N GLU B 11 15.34 9.11 27.40
CA GLU B 11 15.68 7.70 27.67
C GLU B 11 15.33 6.83 26.48
N LEU B 12 15.95 5.65 26.39
CA LEU B 12 15.54 4.66 25.38
C LEU B 12 14.26 4.01 25.84
N ASN B 13 13.17 4.30 25.13
CA ASN B 13 11.88 3.65 25.37
C ASN B 13 11.66 2.52 24.38
N VAL B 14 11.51 1.30 24.89
CA VAL B 14 11.38 0.13 24.02
C VAL B 14 9.93 -0.37 23.94
N TYR B 15 9.41 -0.52 22.72
CA TYR B 15 8.04 -1.01 22.50
C TYR B 15 8.05 -2.16 21.52
N SER B 16 7.30 -3.17 21.85
CA SER B 16 7.15 -4.32 20.95
C SER B 16 5.82 -4.37 20.23
N ALA B 17 4.80 -3.68 20.76
CA ALA B 17 3.46 -3.71 20.15
C ALA B 17 3.38 -2.61 19.11
N PRO B 18 3.04 -2.95 17.85
CA PRO B 18 2.83 -1.89 16.86
C PRO B 18 1.90 -0.74 17.32
N GLY B 19 0.83 -1.09 18.02
CA GLY B 19 -0.10 -0.09 18.52
C GLY B 19 0.51 0.90 19.48
N ASP B 20 1.41 0.44 20.35
CA ASP B 20 2.07 1.31 21.33
C ASP B 20 2.98 2.34 20.67
N VAL B 21 3.83 1.90 19.75
CA VAL B 21 4.69 2.85 19.06
C VAL B 21 3.85 3.80 18.18
N ALA B 22 2.79 3.27 17.59
CA ALA B 22 1.85 4.09 16.81
C ALA B 22 1.26 5.20 17.69
N ASP B 23 0.82 4.82 18.89
CA ASP B 23 0.21 5.77 19.84
C ASP B 23 1.19 6.80 20.35
N VAL B 24 2.39 6.35 20.73
CA VAL B 24 3.42 7.27 21.19
C VAL B 24 3.89 8.23 20.09
N SER B 25 4.08 7.71 18.88
CA SER B 25 4.55 8.54 17.79
C SER B 25 3.52 9.65 17.47
N ARG B 26 2.25 9.28 17.37
CA ARG B 26 1.16 10.28 17.22
C ARG B 26 1.15 11.34 18.33
N ALA B 27 1.17 10.90 19.59
CA ALA B 27 1.25 11.83 20.73
C ALA B 27 2.48 12.74 20.65
N LEU B 28 3.65 12.18 20.32
CA LEU B 28 4.86 13.00 20.23
C LEU B 28 4.79 14.08 19.14
N ARG B 29 4.29 13.68 17.98
CA ARG B 29 4.15 14.56 16.80
C ARG B 29 3.22 15.74 17.12
N LEU B 30 2.24 15.50 17.97
CA LEU B 30 1.30 16.54 18.44
C LEU B 30 1.94 17.55 19.41
N THR B 31 3.02 17.15 20.07
CA THR B 31 3.76 18.03 20.98
C THR B 31 4.85 18.86 20.27
N GLY B 32 4.90 18.81 18.94
CA GLY B 32 5.92 19.54 18.19
C GLY B 32 7.25 18.83 18.01
N ARG B 33 7.24 17.50 18.02
CA ARG B 33 8.44 16.73 17.69
C ARG B 33 8.30 16.30 16.24
N ARG B 34 9.43 16.15 15.54
CA ARG B 34 9.43 15.57 14.20
C ARG B 34 9.95 14.14 14.30
N VAL B 35 9.13 13.19 13.89
CA VAL B 35 9.43 11.77 14.11
C VAL B 35 10.29 11.27 12.96
N MET B 36 11.44 10.69 13.28
CA MET B 36 12.39 10.20 12.28
C MET B 36 12.43 8.70 12.42
N LEU B 37 12.35 7.97 11.30
CA LEU B 37 12.39 6.53 11.37
C LEU B 37 13.67 5.98 10.73
N VAL B 38 14.35 5.09 11.47
CA VAL B 38 15.53 4.44 10.97
C VAL B 38 15.25 2.93 11.03
N PRO B 39 14.83 2.33 9.91
CA PRO B 39 14.58 0.89 9.91
C PRO B 39 15.83 0.03 9.85
N THR B 40 15.90 -0.99 10.70
CA THR B 40 17.06 -1.88 10.71
C THR B 40 16.65 -3.31 10.94
N MET B 41 17.58 -4.22 10.70
CA MET B 41 17.35 -5.60 11.02
C MET B 41 18.23 -6.02 12.19
N GLY B 42 18.55 -5.05 13.05
CA GLY B 42 19.42 -5.30 14.22
C GLY B 42 20.86 -5.62 13.83
N ALA B 43 21.62 -6.13 14.81
CA ALA B 43 23.06 -6.36 14.63
C ALA B 43 23.66 -5.06 14.12
N LEU B 44 23.53 -4.01 14.93
CA LEU B 44 23.85 -2.66 14.47
C LEU B 44 25.35 -2.40 14.30
N HIS B 45 25.73 -1.85 13.15
CA HIS B 45 27.11 -1.44 12.91
C HIS B 45 27.19 0.06 12.61
N GLU B 46 28.38 0.54 12.29
CA GLU B 46 28.60 1.97 12.18
C GLU B 46 27.75 2.56 11.09
N GLY B 47 27.36 1.74 10.11
CA GLY B 47 26.45 2.18 9.04
C GLY B 47 25.12 2.61 9.64
N HIS B 48 24.56 1.77 10.49
CA HIS B 48 23.30 2.07 11.14
C HIS B 48 23.43 3.31 12.01
N LEU B 49 24.58 3.50 12.68
CA LEU B 49 24.75 4.66 13.57
C LEU B 49 24.84 5.94 12.77
N ALA B 50 25.43 5.88 11.56
CA ALA B 50 25.39 7.05 10.67
C ALA B 50 23.97 7.44 10.30
N LEU B 51 23.07 6.45 10.15
CA LEU B 51 21.63 6.75 9.87
C LEU B 51 21.02 7.43 11.08
N VAL B 52 21.35 6.91 12.25
CA VAL B 52 20.84 7.49 13.49
C VAL B 52 21.33 8.92 13.66
N ARG B 53 22.61 9.16 13.41
CA ARG B 53 23.16 10.50 13.59
C ARG B 53 22.54 11.52 12.67
N ALA B 54 22.27 11.09 11.43
CA ALA B 54 21.60 11.92 10.44
C ALA B 54 20.20 12.28 10.91
N ALA B 55 19.50 11.30 11.46
CA ALA B 55 18.15 11.50 11.94
C ALA B 55 18.16 12.47 13.14
N LYS B 56 19.13 12.30 14.04
CA LYS B 56 19.25 13.13 15.22
C LYS B 56 19.48 14.60 14.96
N ARG B 57 20.11 14.94 13.85
CA ARG B 57 20.46 16.34 13.64
C ARG B 57 19.32 17.19 13.08
N VAL B 58 18.18 16.56 12.80
CA VAL B 58 16.98 17.29 12.42
C VAL B 58 16.42 18.03 13.65
N PRO B 59 16.25 19.36 13.56
CA PRO B 59 15.73 20.07 14.74
C PRO B 59 14.36 19.56 15.19
N GLY B 60 14.25 19.31 16.49
CA GLY B 60 13.00 18.81 17.05
C GLY B 60 12.78 17.32 16.89
N SER B 61 13.80 16.61 16.44
CA SER B 61 13.69 15.18 16.08
C SER B 61 13.45 14.29 17.29
N VAL B 62 12.57 13.29 17.18
CA VAL B 62 12.65 12.17 18.11
C VAL B 62 12.97 10.99 17.17
N VAL B 63 13.92 10.15 17.57
CA VAL B 63 14.40 9.09 16.67
C VAL B 63 13.77 7.76 17.04
N VAL B 64 13.12 7.13 16.05
CA VAL B 64 12.60 5.79 16.19
C VAL B 64 13.47 4.85 15.37
N VAL B 65 14.07 3.87 16.04
CA VAL B 65 14.82 2.82 15.37
C VAL B 65 14.01 1.55 15.48
N SER B 66 13.68 0.95 14.34
CA SER B 66 12.96 -0.31 14.38
C SER B 66 14.00 -1.38 14.20
N ILE B 67 13.79 -2.50 14.90
CA ILE B 67 14.65 -3.65 14.76
C ILE B 67 13.73 -4.81 14.46
N PHE B 68 13.81 -5.35 13.25
CA PHE B 68 12.91 -6.45 12.88
C PHE B 68 13.50 -7.25 11.76
N VAL B 69 13.54 -8.57 11.93
CA VAL B 69 14.04 -9.43 10.87
C VAL B 69 12.89 -9.89 10.04
N ASN B 70 12.85 -9.45 8.79
CA ASN B 70 11.76 -9.80 7.90
C ASN B 70 11.93 -11.26 7.51
N PRO B 71 10.91 -12.09 7.79
CA PRO B 71 11.04 -13.51 7.54
C PRO B 71 10.63 -13.87 6.10
N PRO B 87 21.12 -7.76 20.38
CA PRO B 87 19.80 -7.35 20.87
C PRO B 87 19.95 -6.41 22.06
N ASP B 88 20.45 -6.92 23.17
CA ASP B 88 20.82 -6.08 24.31
C ASP B 88 22.02 -5.22 23.94
N ASP B 89 22.87 -5.77 23.06
CA ASP B 89 23.97 -5.03 22.47
C ASP B 89 23.45 -3.89 21.58
N ASP B 90 22.47 -4.22 20.74
CA ASP B 90 21.83 -3.22 19.89
C ASP B 90 21.25 -2.08 20.70
N LEU B 91 20.52 -2.42 21.77
CA LEU B 91 19.83 -1.41 22.57
C LEU B 91 20.80 -0.49 23.34
N ALA B 92 21.88 -1.06 23.84
CA ALA B 92 22.95 -0.27 24.45
C ALA B 92 23.54 0.73 23.46
N GLN B 93 23.80 0.28 22.23
CA GLN B 93 24.31 1.17 21.16
C GLN B 93 23.36 2.34 20.92
N LEU B 94 22.07 2.03 20.82
CA LEU B 94 21.06 3.06 20.55
C LEU B 94 20.95 4.03 21.73
N ARG B 95 20.97 3.48 22.94
CA ARG B 95 21.00 4.25 24.19
C ARG B 95 22.19 5.19 24.18
N ALA B 96 23.37 4.65 23.81
CA ALA B 96 24.58 5.44 23.72
C ALA B 96 24.45 6.57 22.68
N GLU B 97 23.61 6.36 21.65
CA GLU B 97 23.37 7.39 20.64
C GLU B 97 22.30 8.44 21.00
N GLY B 98 21.60 8.24 22.12
CA GLY B 98 20.54 9.14 22.58
C GLY B 98 19.25 8.97 21.80
N VAL B 99 19.01 7.75 21.32
CA VAL B 99 17.81 7.40 20.60
C VAL B 99 16.73 7.19 21.64
N GLU B 100 15.56 7.76 21.42
CA GLU B 100 14.49 7.67 22.44
C GLU B 100 13.46 6.58 22.23
N ILE B 101 13.33 6.05 21.01
CA ILE B 101 12.38 4.96 20.77
C ILE B 101 12.99 3.82 19.96
N ALA B 102 12.93 2.61 20.52
CA ALA B 102 13.23 1.40 19.78
C ALA B 102 11.94 0.62 19.58
N PHE B 103 11.70 0.14 18.36
CA PHE B 103 10.48 -0.58 18.08
C PHE B 103 10.91 -2.01 17.73
N THR B 104 10.55 -2.98 18.59
CA THR B 104 11.09 -4.33 18.47
C THR B 104 9.99 -5.37 18.36
N PRO B 105 9.23 -5.36 17.26
CA PRO B 105 8.05 -6.25 17.16
C PRO B 105 8.44 -7.69 16.92
N THR B 106 7.56 -8.62 17.28
CA THR B 106 7.70 -10.03 16.87
C THR B 106 7.14 -10.16 15.47
N THR B 107 7.50 -11.25 14.79
CA THR B 107 6.92 -11.60 13.50
C THR B 107 5.39 -11.72 13.56
N ALA B 108 4.90 -12.31 14.64
CA ALA B 108 3.48 -12.50 14.79
C ALA B 108 2.75 -11.17 14.95
N ALA B 109 3.42 -10.20 15.59
CA ALA B 109 2.87 -8.86 15.77
C ALA B 109 2.80 -8.13 14.41
N MET B 110 3.82 -8.32 13.58
CA MET B 110 3.87 -7.68 12.27
C MET B 110 2.96 -8.38 11.26
N TYR B 111 2.87 -9.70 11.37
CA TYR B 111 2.07 -10.51 10.44
C TYR B 111 1.00 -11.35 11.16
N PRO B 112 0.06 -10.70 11.88
CA PRO B 112 -0.94 -11.42 12.70
C PRO B 112 -1.82 -12.30 11.85
N ASP B 113 -1.95 -11.95 10.58
CA ASP B 113 -2.81 -12.70 9.68
C ASP B 113 -2.00 -13.41 8.64
N GLY B 114 -0.71 -13.62 8.93
CA GLY B 114 0.20 -14.22 7.93
C GLY B 114 0.51 -13.29 6.76
N LEU B 115 1.07 -13.85 5.69
CA LEU B 115 1.32 -13.07 4.49
C LEU B 115 0.04 -13.04 3.69
N ARG B 116 -0.53 -11.86 3.52
CA ARG B 116 -1.81 -11.80 2.87
C ARG B 116 -1.79 -10.70 1.77
N THR B 117 -2.19 -9.47 2.12
CA THR B 117 -2.00 -8.36 1.19
C THR B 117 -0.51 -8.01 1.18
N THR B 118 0.06 -7.80 0.00
CA THR B 118 1.49 -7.46 -0.03
C THR B 118 1.73 -6.37 -1.08
N VAL B 119 2.94 -5.81 -1.10
CA VAL B 119 3.32 -4.84 -2.11
C VAL B 119 3.98 -5.58 -3.27
N GLN B 120 3.52 -5.27 -4.46
CA GLN B 120 4.14 -5.77 -5.67
C GLN B 120 4.96 -4.62 -6.28
N PRO B 121 6.30 -4.73 -6.19
CA PRO B 121 7.15 -3.72 -6.82
C PRO B 121 7.01 -3.64 -8.33
N GLY B 122 7.43 -2.52 -8.90
CA GLY B 122 7.55 -2.40 -10.36
C GLY B 122 8.69 -3.28 -10.88
N PRO B 123 8.87 -3.30 -12.20
CA PRO B 123 9.83 -4.20 -12.88
C PRO B 123 11.31 -4.03 -12.49
N LEU B 124 11.69 -2.89 -11.91
CA LEU B 124 13.06 -2.75 -11.40
C LEU B 124 13.41 -3.84 -10.40
N ALA B 125 12.40 -4.35 -9.64
CA ALA B 125 12.67 -5.37 -8.61
C ALA B 125 13.14 -6.73 -9.16
N ALA B 126 12.99 -6.93 -10.45
CA ALA B 126 13.41 -8.19 -11.08
C ALA B 126 14.82 -8.06 -11.63
N GLU B 127 15.36 -6.86 -11.60
CA GLU B 127 16.71 -6.60 -12.11
C GLU B 127 17.77 -6.65 -11.01
N LEU B 128 19.04 -6.74 -11.45
CA LEU B 128 20.19 -6.60 -10.56
C LEU B 128 20.02 -7.56 -9.38
N GLU B 129 19.71 -7.06 -8.19
CA GLU B 129 19.63 -7.94 -7.01
C GLU B 129 18.45 -8.89 -7.10
N GLY B 130 17.46 -8.52 -7.88
CA GLY B 130 16.26 -9.33 -8.11
C GLY B 130 16.45 -10.54 -9.03
N GLY B 131 17.59 -10.59 -9.72
CA GLY B 131 18.04 -11.79 -10.42
C GLY B 131 18.12 -13.03 -9.52
N PRO B 132 19.13 -13.09 -8.61
CA PRO B 132 19.18 -14.16 -7.60
C PRO B 132 17.96 -14.23 -6.66
N ARG B 133 17.38 -13.09 -6.29
CA ARG B 133 16.28 -13.09 -5.33
C ARG B 133 15.04 -12.37 -5.90
N PRO B 134 14.27 -13.06 -6.76
CA PRO B 134 13.11 -12.48 -7.45
C PRO B 134 11.97 -11.94 -6.56
N THR B 135 11.89 -12.37 -5.30
CA THR B 135 10.83 -11.86 -4.43
C THR B 135 11.34 -11.03 -3.28
N HIS B 136 12.65 -10.72 -3.30
CA HIS B 136 13.31 -10.10 -2.16
C HIS B 136 12.69 -8.73 -1.94
N PHE B 137 12.54 -7.97 -3.01
CA PHE B 137 12.14 -6.59 -2.80
C PHE B 137 10.67 -6.44 -2.42
N ALA B 138 9.82 -7.35 -2.90
CA ALA B 138 8.43 -7.36 -2.46
C ALA B 138 8.37 -7.49 -0.94
N GLY B 139 9.21 -8.36 -0.38
CA GLY B 139 9.31 -8.48 1.08
C GLY B 139 9.71 -7.15 1.73
N VAL B 140 10.79 -6.55 1.23
CA VAL B 140 11.28 -5.28 1.75
C VAL B 140 10.23 -4.15 1.63
N LEU B 141 9.63 -3.95 0.46
CA LEU B 141 8.65 -2.87 0.35
C LEU B 141 7.42 -3.09 1.23
N THR B 142 7.02 -4.34 1.41
CA THR B 142 5.87 -4.68 2.28
C THR B 142 6.18 -4.28 3.68
N VAL B 143 7.33 -4.68 4.20
CA VAL B 143 7.65 -4.31 5.59
C VAL B 143 7.89 -2.83 5.79
N VAL B 144 8.51 -2.18 4.81
CA VAL B 144 8.74 -0.74 4.87
C VAL B 144 7.42 0.01 4.83
N LEU B 145 6.50 -0.39 3.95
CA LEU B 145 5.17 0.26 3.94
C LEU B 145 4.50 0.16 5.34
N LYS B 146 4.56 -1.03 5.93
CA LYS B 146 3.95 -1.30 7.24
C LYS B 146 4.60 -0.44 8.33
N LEU B 147 5.92 -0.36 8.33
CA LEU B 147 6.60 0.48 9.33
C LEU B 147 6.24 1.93 9.16
N LEU B 148 6.14 2.38 7.90
CA LEU B 148 5.74 3.77 7.65
C LEU B 148 4.35 4.06 8.20
N GLN B 149 3.47 3.07 8.12
CA GLN B 149 2.10 3.24 8.55
C GLN B 149 1.95 3.18 10.06
N ILE B 150 2.77 2.34 10.69
CA ILE B 150 2.81 2.23 12.17
C ILE B 150 3.36 3.51 12.79
N VAL B 151 4.52 3.94 12.30
CA VAL B 151 5.28 5.04 12.91
C VAL B 151 4.88 6.41 12.39
N ARG B 152 4.45 6.48 11.12
CA ARG B 152 4.12 7.74 10.44
C ARG B 152 5.21 8.81 10.68
N PRO B 153 6.45 8.53 10.25
CA PRO B 153 7.54 9.46 10.44
C PRO B 153 7.47 10.60 9.46
N ASP B 154 8.07 11.74 9.81
CA ASP B 154 8.26 12.82 8.85
C ASP B 154 9.32 12.46 7.80
N ARG B 155 10.35 11.72 8.23
CA ARG B 155 11.47 11.34 7.38
C ARG B 155 11.88 9.92 7.70
N VAL B 156 12.30 9.19 6.67
CA VAL B 156 12.75 7.81 6.84
C VAL B 156 14.15 7.68 6.22
N PHE B 157 15.08 7.01 6.93
CA PHE B 157 16.53 7.05 6.61
C PHE B 157 17.02 5.67 6.17
N PHE B 158 17.70 5.61 5.04
CA PHE B 158 18.27 4.37 4.49
C PHE B 158 19.67 4.65 3.99
N GLY B 159 20.55 3.65 4.12
CA GLY B 159 21.91 3.78 3.61
C GLY B 159 21.87 3.68 2.09
N GLU B 160 22.82 4.33 1.43
CA GLU B 160 22.98 4.20 -0.02
C GLU B 160 23.61 2.90 -0.44
N LYS B 161 24.13 2.11 0.50
CA LYS B 161 24.83 0.86 0.13
C LYS B 161 23.89 -0.06 -0.65
N ASP B 162 22.67 -0.19 -0.14
CA ASP B 162 21.67 -0.95 -0.87
C ASP B 162 20.89 0.02 -1.75
N TYR B 163 21.56 0.48 -2.80
CA TYR B 163 21.02 1.52 -3.67
C TYR B 163 19.73 1.12 -4.36
N GLN B 164 19.65 -0.12 -4.86
CA GLN B 164 18.48 -0.53 -5.60
C GLN B 164 17.27 -0.55 -4.66
N GLN B 165 17.50 -0.96 -3.41
CA GLN B 165 16.49 -0.91 -2.40
C GLN B 165 16.03 0.52 -2.15
N LEU B 166 16.99 1.43 -1.99
CA LEU B 166 16.65 2.85 -1.81
C LEU B 166 15.77 3.36 -2.97
N VAL B 167 16.15 3.05 -4.21
CA VAL B 167 15.36 3.49 -5.39
C VAL B 167 13.94 2.92 -5.37
N LEU B 168 13.81 1.63 -5.08
CA LEU B 168 12.47 1.00 -4.98
C LEU B 168 11.63 1.61 -3.87
N ILE B 169 12.26 1.97 -2.74
CA ILE B 169 11.52 2.70 -1.69
C ILE B 169 11.03 4.07 -2.17
N ARG B 170 11.87 4.81 -2.90
CA ARG B 170 11.40 6.08 -3.48
CA ARG B 170 11.42 6.08 -3.50
C ARG B 170 10.24 5.85 -4.43
N GLN B 171 10.26 4.76 -5.20
CA GLN B 171 9.13 4.43 -6.11
C GLN B 171 7.89 4.10 -5.28
N LEU B 172 8.07 3.32 -4.19
CA LEU B 172 6.96 3.03 -3.27
C LEU B 172 6.29 4.32 -2.77
N VAL B 173 7.10 5.21 -2.23
CA VAL B 173 6.65 6.49 -1.69
C VAL B 173 5.91 7.33 -2.75
N ALA B 174 6.47 7.46 -3.93
CA ALA B 174 5.83 8.24 -5.00
C ALA B 174 4.54 7.56 -5.46
N ASP B 175 4.61 6.26 -5.71
CA ASP B 175 3.48 5.56 -6.31
C ASP B 175 2.27 5.44 -5.42
N PHE B 176 2.49 5.34 -4.10
CA PHE B 176 1.38 5.21 -3.16
C PHE B 176 1.06 6.52 -2.46
N ASN B 177 1.67 7.63 -2.89
CA ASN B 177 1.34 8.98 -2.42
C ASN B 177 1.62 9.13 -0.93
N LEU B 178 2.69 8.45 -0.47
CA LEU B 178 3.07 8.49 0.94
C LEU B 178 3.64 9.84 1.34
N ASP B 179 3.23 10.30 2.52
CA ASP B 179 3.61 11.63 3.01
C ASP B 179 4.84 11.53 3.93
N VAL B 180 5.96 11.10 3.37
CA VAL B 180 7.19 10.96 4.14
C VAL B 180 8.32 11.36 3.20
N ALA B 181 9.39 11.92 3.77
CA ALA B 181 10.58 12.23 2.99
C ALA B 181 11.55 11.06 3.17
N VAL B 182 12.05 10.53 2.06
CA VAL B 182 13.05 9.44 2.08
C VAL B 182 14.44 10.07 2.02
N VAL B 183 15.29 9.73 2.99
CA VAL B 183 16.64 10.30 3.05
C VAL B 183 17.63 9.17 2.85
N GLY B 184 18.41 9.25 1.77
CA GLY B 184 19.51 8.32 1.55
C GLY B 184 20.80 8.85 2.14
N VAL B 185 21.49 8.02 2.92
CA VAL B 185 22.67 8.49 3.66
C VAL B 185 23.91 7.83 3.06
N PRO B 186 24.93 8.63 2.70
CA PRO B 186 26.12 8.06 2.04
C PRO B 186 26.72 6.91 2.82
N THR B 187 27.15 5.89 2.09
CA THR B 187 27.68 4.67 2.66
C THR B 187 28.90 4.88 3.57
N VAL B 188 28.82 4.34 4.78
CA VAL B 188 29.95 4.32 5.68
C VAL B 188 30.92 3.22 5.22
N ARG B 189 32.21 3.53 5.25
CA ARG B 189 33.24 2.61 4.72
C ARG B 189 34.35 2.34 5.75
N GLU B 190 34.93 1.15 5.68
CA GLU B 190 36.16 0.88 6.42
C GLU B 190 37.28 1.76 5.87
N ALA B 191 38.41 1.78 6.60
CA ALA B 191 39.52 2.64 6.26
C ALA B 191 40.03 2.44 4.84
N ASP B 192 39.93 1.22 4.32
CA ASP B 192 40.42 0.98 2.98
C ASP B 192 39.38 1.14 1.89
N GLY B 193 38.16 1.53 2.30
CA GLY B 193 37.07 1.81 1.39
C GLY B 193 35.99 0.75 1.37
N LEU B 194 36.21 -0.39 2.03
CA LEU B 194 35.20 -1.47 1.98
C LEU B 194 33.89 -1.00 2.62
N ALA B 195 32.81 -1.10 1.86
CA ALA B 195 31.50 -0.66 2.35
C ALA B 195 31.14 -1.48 3.59
N MET B 196 30.69 -0.81 4.65
CA MET B 196 30.29 -1.57 5.84
C MET B 196 29.10 -2.49 5.64
N SER B 197 29.15 -3.65 6.31
CA SER B 197 28.16 -4.69 6.13
C SER B 197 28.42 -5.74 7.20
N SER B 198 27.35 -6.33 7.69
CA SER B 198 27.46 -7.38 8.68
C SER B 198 28.18 -8.58 8.05
N ARG B 199 28.10 -8.70 6.73
CA ARG B 199 28.75 -9.82 6.03
C ARG B 199 30.28 -9.79 6.06
N ASN B 200 30.86 -8.61 6.26
CA ASN B 200 32.33 -8.45 6.19
C ASN B 200 33.12 -9.37 7.12
N ARG B 201 32.54 -9.65 8.29
CA ARG B 201 33.17 -10.49 9.32
C ARG B 201 33.39 -11.94 8.86
N TYR B 202 32.61 -12.37 7.87
CA TYR B 202 32.74 -13.72 7.36
C TYR B 202 33.94 -13.91 6.43
N LEU B 203 34.53 -12.81 5.98
CA LEU B 203 35.64 -12.89 5.02
C LEU B 203 36.91 -13.33 5.72
N ASP B 204 37.54 -14.38 5.21
CA ASP B 204 38.88 -14.71 5.66
C ASP B 204 39.90 -13.68 5.17
N PRO B 205 41.16 -13.77 5.63
CA PRO B 205 42.07 -12.69 5.27
C PRO B 205 42.33 -12.50 3.77
N ALA B 206 42.45 -13.58 2.99
CA ALA B 206 42.62 -13.45 1.53
C ALA B 206 41.40 -12.75 0.93
N GLN B 207 40.21 -13.16 1.38
CA GLN B 207 38.97 -12.60 0.86
C GLN B 207 38.81 -11.14 1.25
N ARG B 208 39.19 -10.82 2.48
CA ARG B 208 39.02 -9.44 2.96
C ARG B 208 39.96 -8.53 2.21
N ALA B 209 41.16 -9.03 1.87
CA ALA B 209 42.11 -8.23 1.11
C ALA B 209 41.56 -8.02 -0.32
N ALA B 210 41.04 -9.08 -0.92
CA ALA B 210 40.47 -9.00 -2.30
C ALA B 210 39.22 -8.13 -2.39
N ALA B 211 38.45 -8.08 -1.31
CA ALA B 211 37.17 -7.33 -1.24
C ALA B 211 37.31 -5.84 -1.46
N VAL B 212 38.52 -5.32 -1.22
CA VAL B 212 38.81 -3.89 -1.43
C VAL B 212 38.62 -3.55 -2.93
N ALA B 213 38.71 -4.55 -3.80
CA ALA B 213 38.57 -4.30 -5.26
C ALA B 213 37.21 -3.75 -5.65
N LEU B 214 36.14 -4.03 -4.88
CA LEU B 214 34.83 -3.44 -5.21
C LEU B 214 34.85 -1.93 -5.12
N SER B 215 35.30 -1.39 -3.99
CA SER B 215 35.30 0.06 -3.80
C SER B 215 36.37 0.70 -4.67
N ALA B 216 37.51 0.03 -4.79
CA ALA B 216 38.62 0.55 -5.62
C ALA B 216 38.18 0.63 -7.09
N ALA B 217 37.45 -0.37 -7.57
CA ALA B 217 36.93 -0.36 -8.95
C ALA B 217 35.95 0.81 -9.14
N LEU B 218 35.11 1.04 -8.13
CA LEU B 218 34.09 2.08 -8.28
C LEU B 218 34.67 3.47 -8.24
N THR B 219 35.55 3.73 -7.27
CA THR B 219 36.24 5.03 -7.21
C THR B 219 37.12 5.30 -8.45
N ALA B 220 37.78 4.27 -8.99
CA ALA B 220 38.56 4.42 -10.22
C ALA B 220 37.63 4.81 -11.37
N ALA B 221 36.48 4.14 -11.45
CA ALA B 221 35.48 4.47 -12.47
C ALA B 221 35.00 5.89 -12.36
N ALA B 222 34.73 6.35 -11.14
CA ALA B 222 34.18 7.69 -10.90
C ALA B 222 35.16 8.76 -11.41
N HIS B 223 36.44 8.51 -11.23
CA HIS B 223 37.49 9.40 -11.75
C HIS B 223 37.84 9.24 -13.23
N ALA B 224 37.72 8.02 -13.73
CA ALA B 224 37.92 7.77 -15.13
C ALA B 224 36.81 8.40 -15.96
N ALA B 225 35.69 8.75 -15.31
CA ALA B 225 34.45 9.16 -16.02
C ALA B 225 34.54 10.47 -16.81
N THR B 226 35.54 11.31 -16.51
CA THR B 226 35.83 12.48 -17.40
C THR B 226 36.11 12.06 -18.83
N ALA B 227 36.58 10.82 -19.01
CA ALA B 227 36.90 10.27 -20.34
C ALA B 227 35.71 9.50 -20.96
N GLY B 228 34.57 9.50 -20.28
CA GLY B 228 33.34 8.93 -20.83
C GLY B 228 32.90 7.63 -20.15
N ALA B 229 31.72 7.16 -20.55
CA ALA B 229 31.08 6.01 -19.89
C ALA B 229 31.87 4.73 -20.05
N GLN B 230 32.36 4.49 -21.26
CA GLN B 230 33.10 3.26 -21.52
C GLN B 230 34.42 3.21 -20.73
N ALA B 231 35.12 4.35 -20.67
CA ALA B 231 36.37 4.45 -19.90
C ALA B 231 36.10 4.11 -18.43
N ALA B 232 34.95 4.57 -17.93
CA ALA B 232 34.59 4.35 -16.52
C ALA B 232 34.37 2.87 -16.29
N LEU B 233 33.55 2.28 -17.15
CA LEU B 233 33.28 0.83 -17.03
C LEU B 233 34.51 -0.01 -17.21
N ASP B 234 35.36 0.36 -18.17
CA ASP B 234 36.59 -0.38 -18.43
C ASP B 234 37.57 -0.29 -17.28
N ALA B 235 37.72 0.90 -16.71
CA ALA B 235 38.55 1.10 -15.51
C ALA B 235 38.05 0.22 -14.35
N ALA B 236 36.73 0.17 -14.11
CA ALA B 236 36.23 -0.64 -13.01
C ALA B 236 36.46 -2.11 -13.28
N ARG B 237 36.23 -2.54 -14.52
CA ARG B 237 36.42 -3.98 -14.84
C ARG B 237 37.88 -4.40 -14.67
N ALA B 238 38.81 -3.51 -15.04
CA ALA B 238 40.24 -3.79 -14.90
C ALA B 238 40.62 -4.04 -13.45
N VAL B 239 40.10 -3.19 -12.55
CA VAL B 239 40.38 -3.33 -11.13
C VAL B 239 39.85 -4.65 -10.58
N LEU B 240 38.60 -4.97 -10.91
CA LEU B 240 38.00 -6.24 -10.48
C LEU B 240 38.76 -7.42 -11.08
N ASP B 241 39.20 -7.27 -12.33
CA ASP B 241 40.07 -8.28 -12.98
C ASP B 241 41.43 -8.51 -12.29
N ALA B 242 41.91 -7.55 -11.49
CA ALA B 242 43.20 -7.68 -10.79
C ALA B 242 43.04 -8.45 -9.46
N ALA B 243 41.81 -8.76 -9.06
CA ALA B 243 41.56 -9.44 -7.77
C ALA B 243 41.31 -10.95 -7.94
N PRO B 244 41.92 -11.77 -7.05
CA PRO B 244 41.61 -13.20 -7.13
C PRO B 244 40.36 -13.55 -6.30
N GLY B 245 39.60 -14.53 -6.76
CA GLY B 245 38.49 -15.09 -6.01
C GLY B 245 37.33 -14.13 -5.83
N VAL B 246 37.15 -13.23 -6.80
CA VAL B 246 36.07 -12.28 -6.79
C VAL B 246 35.22 -12.58 -8.02
N ALA B 247 34.09 -13.24 -7.79
CA ALA B 247 33.21 -13.64 -8.88
C ALA B 247 32.19 -12.52 -9.09
N VAL B 248 32.37 -11.76 -10.17
CA VAL B 248 31.48 -10.61 -10.39
C VAL B 248 30.12 -11.06 -10.92
N ASP B 249 29.06 -10.75 -10.19
CA ASP B 249 27.71 -11.10 -10.63
C ASP B 249 27.19 -10.06 -11.62
N TYR B 250 27.43 -8.77 -11.35
CA TYR B 250 27.15 -7.73 -12.35
C TYR B 250 27.99 -6.50 -12.08
N LEU B 251 28.17 -5.70 -13.11
CA LEU B 251 28.80 -4.39 -13.03
C LEU B 251 28.06 -3.55 -14.06
N GLU B 252 27.29 -2.59 -13.56
CA GLU B 252 26.34 -1.88 -14.43
C GLU B 252 26.25 -0.41 -14.15
N LEU B 253 26.26 0.38 -15.22
CA LEU B 253 26.09 1.81 -15.12
C LEU B 253 24.68 2.15 -15.55
N ARG B 254 23.94 2.83 -14.67
CA ARG B 254 22.55 3.16 -14.93
C ARG B 254 22.33 4.66 -14.63
N ASP B 255 21.17 5.21 -14.96
CA ASP B 255 20.89 6.56 -14.48
C ASP B 255 20.58 6.51 -13.00
N ILE B 256 20.36 7.67 -12.38
CA ILE B 256 20.28 7.69 -10.93
C ILE B 256 19.01 7.01 -10.39
N GLY B 257 18.01 6.83 -11.26
CA GLY B 257 16.76 6.14 -10.91
C GLY B 257 16.80 4.69 -11.37
N LEU B 258 17.96 4.26 -11.85
CA LEU B 258 18.28 2.90 -12.30
C LEU B 258 17.62 2.52 -13.62
N GLY B 259 17.21 3.54 -14.37
CA GLY B 259 16.90 3.33 -15.78
C GLY B 259 18.19 3.29 -16.57
N PRO B 260 18.09 3.19 -17.92
CA PRO B 260 19.25 3.21 -18.83
C PRO B 260 20.13 4.46 -18.62
N MET B 261 21.43 4.28 -18.70
CA MET B 261 22.35 5.41 -18.56
C MET B 261 22.14 6.41 -19.71
N PRO B 262 21.94 7.71 -19.39
CA PRO B 262 21.95 8.72 -20.42
C PRO B 262 23.36 8.91 -21.00
N LEU B 263 23.46 9.42 -22.22
CA LEU B 263 24.75 9.53 -22.90
C LEU B 263 25.78 10.42 -22.16
N ASN B 264 25.27 11.45 -21.48
CA ASN B 264 26.04 12.28 -20.57
C ASN B 264 25.23 12.52 -19.28
N GLY B 265 25.80 13.21 -18.30
CA GLY B 265 25.06 13.53 -17.08
C GLY B 265 25.28 12.54 -15.94
N SER B 266 24.36 12.54 -14.98
CA SER B 266 24.57 11.79 -13.73
C SER B 266 24.10 10.37 -13.84
N GLY B 267 24.81 9.49 -13.15
CA GLY B 267 24.43 8.09 -13.15
C GLY B 267 24.91 7.43 -11.87
N ARG B 268 24.82 6.11 -11.86
CA ARG B 268 25.22 5.32 -10.71
C ARG B 268 25.82 4.06 -11.25
N LEU B 269 26.98 3.68 -10.71
CA LEU B 269 27.64 2.43 -11.14
C LEU B 269 27.49 1.44 -9.99
N LEU B 270 26.94 0.26 -10.28
CA LEU B 270 26.65 -0.73 -9.25
C LEU B 270 27.42 -2.01 -9.53
N VAL B 271 27.91 -2.65 -8.47
CA VAL B 271 28.62 -3.94 -8.61
C VAL B 271 28.12 -4.92 -7.56
N ALA B 272 28.14 -6.22 -7.90
CA ALA B 272 27.91 -7.27 -6.91
C ALA B 272 28.85 -8.38 -7.25
N ALA B 273 29.40 -9.00 -6.20
CA ALA B 273 30.33 -10.11 -6.38
C ALA B 273 30.25 -11.08 -5.23
N ARG B 274 30.62 -12.32 -5.53
CA ARG B 274 30.72 -13.38 -4.51
C ARG B 274 32.17 -13.70 -4.19
N LEU B 275 32.50 -13.67 -2.90
CA LEU B 275 33.83 -14.09 -2.44
C LEU B 275 33.56 -15.31 -1.60
N GLY B 276 33.85 -16.49 -2.15
CA GLY B 276 33.53 -17.76 -1.47
C GLY B 276 32.03 -17.79 -1.29
N THR B 277 31.55 -17.85 -0.05
CA THR B 277 30.10 -17.93 0.16
C THR B 277 29.47 -16.57 0.45
N THR B 278 30.28 -15.52 0.43
CA THR B 278 29.83 -14.19 0.87
C THR B 278 29.56 -13.32 -0.37
N ARG B 279 28.33 -12.81 -0.49
CA ARG B 279 27.98 -11.87 -1.57
C ARG B 279 28.13 -10.43 -1.07
N LEU B 280 28.88 -9.62 -1.83
CA LEU B 280 29.11 -8.23 -1.44
C LEU B 280 28.53 -7.28 -2.49
N LEU B 281 28.08 -6.10 -2.07
CA LEU B 281 27.54 -5.10 -3.02
C LEU B 281 28.22 -3.77 -2.78
N ASP B 282 28.28 -2.94 -3.82
CA ASP B 282 28.71 -1.55 -3.64
C ASP B 282 28.18 -0.78 -4.85
N ASN B 283 28.20 0.54 -4.73
CA ASN B 283 27.75 1.41 -5.80
C ASN B 283 28.31 2.81 -5.57
N ILE B 284 28.32 3.61 -6.62
CA ILE B 284 28.86 4.97 -6.50
C ILE B 284 28.21 5.91 -7.50
N ALA B 285 28.08 7.18 -7.11
CA ALA B 285 27.70 8.26 -8.05
C ALA B 285 28.73 8.37 -9.18
N ILE B 286 28.24 8.55 -10.40
CA ILE B 286 29.10 8.73 -11.56
C ILE B 286 28.57 9.99 -12.29
N GLU B 287 29.49 10.89 -12.67
CA GLU B 287 29.14 12.02 -13.56
C GLU B 287 29.82 11.77 -14.91
N ILE B 288 29.04 11.63 -15.96
CA ILE B 288 29.62 11.21 -17.24
C ILE B 288 30.13 12.39 -18.06
N GLY B 289 31.45 12.39 -18.30
CA GLY B 289 32.15 13.50 -18.92
C GLY B 289 32.42 14.62 -17.92
OAA BZ2 C . -19.13 1.88 -6.22
OAB BZ2 C . -18.68 3.91 -6.93
CAC BZ2 C . -12.47 3.11 -5.06
CAD BZ2 C . -12.63 1.79 -4.66
CAE BZ2 C . -13.56 3.82 -5.56
CAF BZ2 C . -13.86 1.16 -4.75
CAG BZ2 C . -15.96 3.62 -6.07
OAH BZ2 C . -16.28 1.52 -5.45
CAI BZ2 C . -18.34 2.83 -6.40
CAJ BZ2 C . -16.87 2.65 -5.97
CAK BZ2 C . -14.79 3.19 -5.65
CAL BZ2 C . -14.96 1.87 -5.25
CAA BZ3 D . -25.05 1.75 0.99
CAB BZ3 D . -21.92 1.62 -4.48
CAC BZ3 D . -25.67 0.26 -2.31
CAD BZ3 D . -22.09 2.09 -3.24
CAE BZ3 D . -25.01 0.11 -3.53
CAF BZ3 D . -23.91 1.73 -1.52
NAG BZ3 D . -22.96 0.84 -4.79
OAH BZ3 D . -25.82 1.18 -0.11
CAI BZ3 D . -25.13 1.06 -1.30
CAJ BZ3 D . -23.24 1.59 -2.75
CAK BZ3 D . -23.79 0.78 -3.75
S SO4 E . -22.62 0.54 -7.92
O1 SO4 E . -22.48 -0.56 -8.86
O2 SO4 E . -23.42 0.10 -6.80
O3 SO4 E . -21.29 0.96 -7.49
O4 SO4 E . -23.28 1.65 -8.56
S SO4 F . 6.81 8.27 -17.47
O1 SO4 F . 6.08 7.26 -18.23
O2 SO4 F . 5.93 9.40 -17.16
O3 SO4 F . 7.29 7.71 -16.20
O4 SO4 F . 7.95 8.74 -18.25
C1 GOL G . 2.21 5.15 -10.33
O1 GOL G . 1.64 5.68 -11.53
C2 GOL G . 1.25 4.55 -9.27
O2 GOL G . 0.10 5.34 -9.11
C3 GOL G . 0.87 3.10 -9.58
O3 GOL G . 2.02 2.28 -9.70
C1 EOH H . 2.78 -3.85 -11.36
C2 EOH H . 3.31 -3.92 -9.93
O EOH H . 3.84 -3.55 -12.25
C1 EOH I . -38.64 -10.20 0.63
C2 EOH I . -39.36 -8.91 1.03
O EOH I . -37.98 -10.24 -0.63
OAA BZ2 J . 19.60 -3.28 8.84
OAB BZ2 J . 20.33 -3.11 6.76
CAC BZ2 J . 13.52 -2.81 6.44
CAD BZ2 J . 13.92 -2.65 5.13
CAE BZ2 J . 14.47 -2.96 7.45
CAF BZ2 J . 15.28 -2.64 4.78
CAG BZ2 J . 16.92 -3.08 7.86
OAH BZ2 J . 17.62 -2.83 5.77
CAI BZ2 J . 19.42 -3.13 7.61
CAJ BZ2 J . 17.99 -3.01 7.08
CAK BZ2 J . 15.83 -2.95 7.10
CAL BZ2 J . 16.24 -2.79 5.78
CAA BZ3 K . 25.06 4.82 6.07
CAB BZ3 K . 22.89 -1.11 6.59
CAC BZ3 K . 26.35 1.47 5.23
CAD BZ3 K . 22.76 0.22 6.79
CAE BZ3 K . 25.94 0.13 5.28
CAF BZ3 K . 24.27 2.14 6.27
NAG BZ3 K . 24.07 -1.36 6.00
OAH BZ3 K . 25.95 3.77 5.66
CAI BZ3 K . 25.50 2.48 5.71
CAJ BZ3 K . 23.87 0.80 6.34
CAK BZ3 K . 24.70 -0.20 5.83
S SO4 L . 24.33 -4.92 6.12
O1 SO4 L . 22.92 -4.67 6.46
O2 SO4 L . 25.11 -4.69 7.32
O3 SO4 L . 24.53 -6.29 5.67
O4 SO4 L . 24.73 -4.00 5.04
#